data_5KLR
#
_entry.id   5KLR
#
_cell.length_a   79.150
_cell.length_b   89.541
_cell.length_c   100.300
_cell.angle_alpha   90.000
_cell.angle_beta   90.000
_cell.angle_gamma   90.000
#
_symmetry.space_group_name_H-M   'P 21 21 21'
#
loop_
_entity.id
_entity.type
_entity.pdbx_description
1 polymer 'Importin subunit alpha-1'
2 polymer 'Prototypical P4[R]cNLS'
3 water water
#
loop_
_entity_poly.entity_id
_entity_poly.type
_entity_poly.pdbx_seq_one_letter_code
_entity_poly.pdbx_strand_id
1 'polypeptide(L)'
;MHHHHHHSSGLVPRGSGMLETAAALFERNHMDSPDLGTDDDDLAMADIGSNQGTVNWSVEDIVKGINSNNLESQLQATQA
ARKLLSREKQPPIDNIIRAGLIPKFVSFLGKTDCSPIQFESAWALTNIASGTSEQTKAVVDGGAIPAFISLLASPHAHIS
EQAVWALGNIAGDGSAFRDLVIKHGAIDPLLALLAVPDLSTLACGYLRNLTWTLSNLCRNKNPAPPLDAVEQILPTLVRL
LHHNDPEVLADSCWAISYLTDGPNERIEMVVKKGVVPQLVKLLGATELPIVTPALRAIGNIVTGTDEQTQKVIDAGALAV
FPSLLTNPKTNIQKEATWTMSNITAGRQDQIQQVVNHGLVPFLVGVLSKADFKTQKEAAWAITNYTSGGTVEQIVYLVHC
GIIEPLMNLLSAKDTKIIQVILDAISNIFQAAEKLGETEKLSIMIEECGGLDKIEALQRHENESVYKASLNLIEKYFSVE
EEEDQNVVPETTSEGFAFQVQDGAPGTFNF
;
B
2 'polypeptide(L)' SKKAGFPAKKRKVEAA A
#
# COMPACT_ATOMS: atom_id res chain seq x y z
N GLY A 53 -4.96 28.89 -31.30
CA GLY A 53 -3.54 29.07 -31.57
C GLY A 53 -2.82 27.75 -31.75
N THR A 54 -2.52 27.08 -30.64
CA THR A 54 -1.96 25.73 -30.66
C THR A 54 -2.99 24.68 -30.27
N VAL A 55 -4.28 24.97 -30.46
CA VAL A 55 -5.37 24.10 -30.03
C VAL A 55 -5.81 23.22 -31.20
N ASN A 56 -5.93 21.92 -30.95
CA ASN A 56 -6.53 20.98 -31.87
C ASN A 56 -5.74 20.82 -33.17
N TRP A 57 -4.43 20.93 -33.12
CA TRP A 57 -3.63 20.62 -34.30
C TRP A 57 -3.80 19.15 -34.67
N SER A 58 -3.66 18.87 -35.96
CA SER A 58 -3.49 17.50 -36.38
C SER A 58 -2.06 17.06 -36.10
N VAL A 59 -1.86 15.75 -36.00
CA VAL A 59 -0.53 15.21 -35.76
C VAL A 59 0.39 15.58 -36.91
N GLU A 60 -0.12 15.61 -38.14
CA GLU A 60 0.73 15.94 -39.28
C GLU A 60 1.20 17.39 -39.23
N ASP A 61 0.35 18.31 -38.78
CA ASP A 61 0.79 19.69 -38.61
C ASP A 61 1.84 19.78 -37.51
N ILE A 62 1.66 19.05 -36.43
CA ILE A 62 2.68 18.99 -35.37
C ILE A 62 4.00 18.53 -35.96
N VAL A 63 3.97 17.45 -36.74
CA VAL A 63 5.19 16.94 -37.36
C VAL A 63 5.81 18.00 -38.25
N LYS A 64 5.00 18.69 -39.05
CA LYS A 64 5.54 19.68 -39.97
C LYS A 64 6.23 20.80 -39.20
N GLY A 65 5.63 21.25 -38.09
CA GLY A 65 6.26 22.30 -37.30
C GLY A 65 7.55 21.83 -36.64
N ILE A 66 7.55 20.61 -36.11
CA ILE A 66 8.73 20.12 -35.41
C ILE A 66 9.88 19.86 -36.39
N ASN A 67 9.56 19.47 -37.62
CA ASN A 67 10.59 19.24 -38.63
C ASN A 67 11.06 20.50 -39.32
N SER A 68 10.44 21.66 -39.04
CA SER A 68 10.93 22.89 -39.62
C SER A 68 12.31 23.23 -39.06
N ASN A 69 12.99 24.17 -39.69
CA ASN A 69 14.30 24.62 -39.23
C ASN A 69 14.18 25.89 -38.39
N ASN A 70 13.09 26.00 -37.62
CA ASN A 70 12.72 27.23 -36.94
C ASN A 70 12.35 26.88 -35.50
N LEU A 71 13.20 27.30 -34.56
CA LEU A 71 13.00 26.93 -33.17
C LEU A 71 11.65 27.40 -32.66
N GLU A 72 11.19 28.58 -33.10
CA GLU A 72 9.91 29.08 -32.63
C GLU A 72 8.76 28.26 -33.21
N SER A 73 8.85 27.85 -34.48
CA SER A 73 7.86 26.95 -35.04
C SER A 73 7.86 25.61 -34.31
N GLN A 74 9.04 25.10 -33.99
CA GLN A 74 9.13 23.86 -33.24
C GLN A 74 8.47 24.00 -31.88
N LEU A 75 8.67 25.15 -31.22
CA LEU A 75 8.06 25.39 -29.93
C LEU A 75 6.55 25.40 -30.04
N GLN A 76 6.01 26.09 -31.05
CA GLN A 76 4.55 26.13 -31.20
C GLN A 76 3.99 24.73 -31.47
N ALA A 77 4.68 23.95 -32.31
CA ALA A 77 4.21 22.60 -32.60
C ALA A 77 4.30 21.70 -31.37
N THR A 78 5.33 21.89 -30.55
CA THR A 78 5.48 21.08 -29.34
C THR A 78 4.40 21.42 -28.33
N GLN A 79 4.09 22.71 -28.16
CA GLN A 79 2.96 23.08 -27.32
C GLN A 79 1.66 22.48 -27.85
N ALA A 80 1.48 22.48 -29.18
CA ALA A 80 0.29 21.86 -29.75
C ALA A 80 0.21 20.37 -29.38
N ALA A 81 1.35 19.68 -29.47
CA ALA A 81 1.40 18.28 -29.06
C ALA A 81 1.06 18.14 -27.57
N ARG A 82 1.63 19.01 -26.73
CA ARG A 82 1.32 18.98 -25.31
C ARG A 82 -0.17 19.11 -25.07
N LYS A 83 -0.83 19.98 -25.84
CA LYS A 83 -2.26 20.20 -25.62
C LYS A 83 -3.08 19.00 -26.10
N LEU A 84 -2.68 18.36 -27.21
CA LEU A 84 -3.31 17.10 -27.58
C LEU A 84 -3.14 16.05 -26.47
N LEU A 85 -1.95 15.96 -25.90
CA LEU A 85 -1.65 14.92 -24.93
C LEU A 85 -2.22 15.19 -23.56
N SER A 86 -2.74 16.39 -23.30
CA SER A 86 -3.28 16.74 -22.00
C SER A 86 -4.78 17.01 -22.05
N ARG A 87 -5.47 16.55 -23.09
CA ARG A 87 -6.92 16.71 -23.17
C ARG A 87 -7.61 15.62 -22.35
N GLU A 88 -8.88 15.87 -22.04
CA GLU A 88 -9.61 14.99 -21.14
C GLU A 88 -9.64 13.55 -21.64
N LYS A 89 -10.14 13.35 -22.86
CA LYS A 89 -10.46 12.02 -23.35
C LYS A 89 -9.47 11.57 -24.42
N GLN A 90 -8.99 10.33 -24.28
CA GLN A 90 -8.24 9.62 -25.31
C GLN A 90 -7.13 10.46 -25.93
N PRO A 91 -6.10 10.81 -25.18
CA PRO A 91 -4.95 11.47 -25.79
C PRO A 91 -4.33 10.56 -26.85
N PRO A 92 -3.97 11.11 -28.03
CA PRO A 92 -3.46 10.24 -29.11
C PRO A 92 -1.99 9.88 -28.92
N ILE A 93 -1.71 9.11 -27.86
CA ILE A 93 -0.32 8.80 -27.52
C ILE A 93 0.34 7.97 -28.61
N ASP A 94 -0.34 6.91 -29.07
CA ASP A 94 0.28 6.04 -30.05
C ASP A 94 0.49 6.76 -31.38
N ASN A 95 -0.43 7.65 -31.75
CA ASN A 95 -0.22 8.44 -32.96
C ASN A 95 1.01 9.32 -32.83
N ILE A 96 1.21 9.94 -31.66
CA ILE A 96 2.39 10.77 -31.46
C ILE A 96 3.66 9.93 -31.53
N ILE A 97 3.66 8.75 -30.90
CA ILE A 97 4.83 7.87 -30.97
C ILE A 97 5.11 7.47 -32.41
N ARG A 98 4.08 6.99 -33.12
CA ARG A 98 4.24 6.52 -34.49
C ARG A 98 4.76 7.61 -35.41
N ALA A 99 4.40 8.86 -35.16
CA ALA A 99 4.95 9.96 -35.95
C ALA A 99 6.43 10.19 -35.69
N GLY A 100 7.03 9.46 -34.75
CA GLY A 100 8.46 9.59 -34.51
C GLY A 100 8.88 10.81 -33.73
N LEU A 101 7.99 11.37 -32.91
CA LEU A 101 8.27 12.64 -32.26
C LEU A 101 9.09 12.51 -30.97
N ILE A 102 9.17 11.33 -30.37
CA ILE A 102 9.84 11.21 -29.06
C ILE A 102 11.28 11.69 -29.12
N PRO A 103 12.11 11.30 -30.10
CA PRO A 103 13.49 11.78 -30.10
C PRO A 103 13.60 13.29 -30.22
N LYS A 104 12.68 13.91 -30.96
CA LYS A 104 12.67 15.37 -31.05
C LYS A 104 12.39 16.01 -29.70
N PHE A 105 11.34 15.54 -29.01
CA PHE A 105 11.05 16.03 -27.67
C PHE A 105 12.26 15.87 -26.76
N VAL A 106 12.86 14.68 -26.76
CA VAL A 106 14.02 14.44 -25.90
C VAL A 106 15.13 15.45 -26.23
N SER A 107 15.37 15.72 -27.52
CA SER A 107 16.38 16.72 -27.85
CA SER A 107 16.37 16.71 -27.86
C SER A 107 16.00 18.09 -27.33
N PHE A 108 14.70 18.42 -27.38
CA PHE A 108 14.25 19.71 -26.86
C PHE A 108 14.44 19.83 -25.36
N LEU A 109 14.48 18.72 -24.63
CA LEU A 109 14.76 18.81 -23.20
C LEU A 109 16.10 19.47 -22.92
N GLY A 110 17.03 19.38 -23.87
CA GLY A 110 18.37 19.90 -23.68
C GLY A 110 18.61 21.33 -24.12
N LYS A 111 17.58 22.03 -24.61
CA LYS A 111 17.74 23.38 -25.14
C LYS A 111 17.65 24.39 -24.00
N THR A 112 18.76 24.48 -23.24
CA THR A 112 18.82 25.41 -22.12
C THR A 112 18.50 26.83 -22.55
N ASP A 113 18.77 27.16 -23.81
CA ASP A 113 18.55 28.50 -24.33
C ASP A 113 17.08 28.83 -24.59
N CYS A 114 16.20 27.82 -24.63
CA CYS A 114 14.78 28.02 -24.89
C CYS A 114 13.98 27.23 -23.85
N SER A 115 13.94 27.74 -22.62
CA SER A 115 13.24 27.03 -21.56
C SER A 115 11.79 26.71 -21.88
N PRO A 116 11.04 27.53 -22.64
CA PRO A 116 9.66 27.14 -22.95
C PRO A 116 9.56 25.81 -23.69
N ILE A 117 10.46 25.52 -24.63
CA ILE A 117 10.36 24.26 -25.35
C ILE A 117 10.82 23.10 -24.46
N GLN A 118 11.74 23.37 -23.53
CA GLN A 118 12.06 22.38 -22.50
C GLN A 118 10.81 21.99 -21.71
N PHE A 119 10.03 22.99 -21.31
CA PHE A 119 8.83 22.73 -20.53
C PHE A 119 7.78 21.99 -21.34
N GLU A 120 7.49 22.48 -22.56
CA GLU A 120 6.47 21.84 -23.39
C GLU A 120 6.84 20.40 -23.72
N SER A 121 8.10 20.16 -24.09
CA SER A 121 8.52 18.80 -24.40
CA SER A 121 8.54 18.80 -24.39
C SER A 121 8.49 17.92 -23.14
N ALA A 122 8.88 18.48 -21.99
CA ALA A 122 8.84 17.73 -20.74
C ALA A 122 7.42 17.30 -20.41
N TRP A 123 6.45 18.18 -20.65
CA TRP A 123 5.06 17.86 -20.37
C TRP A 123 4.53 16.81 -21.35
N ALA A 124 4.81 16.98 -22.64
CA ALA A 124 4.42 15.98 -23.63
C ALA A 124 4.97 14.60 -23.29
N LEU A 125 6.27 14.54 -23.00
CA LEU A 125 6.89 13.25 -22.67
C LEU A 125 6.36 12.70 -21.35
N THR A 126 6.10 13.59 -20.38
CA THR A 126 5.45 13.14 -19.16
C THR A 126 4.18 12.37 -19.47
N ASN A 127 3.35 12.94 -20.35
CA ASN A 127 2.04 12.32 -20.58
C ASN A 127 2.15 11.08 -21.45
N ILE A 128 3.12 11.02 -22.37
CA ILE A 128 3.39 9.76 -23.06
C ILE A 128 3.78 8.69 -22.06
N ALA A 129 4.68 9.03 -21.13
CA ALA A 129 5.16 8.09 -20.12
C ALA A 129 4.08 7.69 -19.12
N SER A 130 2.96 8.42 -19.09
CA SER A 130 1.87 8.09 -18.19
C SER A 130 1.02 6.94 -18.69
N GLY A 131 1.24 6.47 -19.93
CA GLY A 131 0.39 5.46 -20.52
C GLY A 131 0.82 4.04 -20.18
N THR A 132 0.74 3.16 -21.17
CA THR A 132 1.07 1.76 -20.99
C THR A 132 2.58 1.57 -20.82
N SER A 133 2.97 0.36 -20.41
CA SER A 133 4.38 0.04 -20.28
C SER A 133 5.12 0.24 -21.61
N GLU A 134 4.46 -0.05 -22.73
CA GLU A 134 5.11 0.13 -24.02
C GLU A 134 5.31 1.61 -24.35
N GLN A 135 4.37 2.46 -23.93
CA GLN A 135 4.50 3.90 -24.16
C GLN A 135 5.60 4.49 -23.28
N THR A 136 5.60 4.14 -21.99
CA THR A 136 6.71 4.52 -21.12
C THR A 136 8.03 4.04 -21.69
N LYS A 137 8.07 2.79 -22.16
CA LYS A 137 9.29 2.25 -22.76
C LYS A 137 9.72 3.09 -23.95
N ALA A 138 8.77 3.56 -24.76
CA ALA A 138 9.17 4.43 -25.87
C ALA A 138 9.88 5.68 -25.35
N VAL A 139 9.36 6.26 -24.27
CA VAL A 139 10.02 7.44 -23.71
C VAL A 139 11.43 7.09 -23.23
N VAL A 140 11.56 6.00 -22.49
CA VAL A 140 12.88 5.58 -21.99
C VAL A 140 13.83 5.31 -23.15
N ASP A 141 13.36 4.59 -24.17
CA ASP A 141 14.18 4.24 -25.32
C ASP A 141 14.67 5.48 -26.05
N GLY A 142 13.91 6.58 -25.98
CA GLY A 142 14.39 7.83 -26.56
C GLY A 142 15.50 8.53 -25.80
N GLY A 143 15.96 7.98 -24.68
CA GLY A 143 16.98 8.63 -23.89
C GLY A 143 16.48 9.63 -22.87
N ALA A 144 15.20 9.58 -22.51
CA ALA A 144 14.61 10.64 -21.68
C ALA A 144 15.14 10.65 -20.26
N ILE A 145 15.54 9.51 -19.71
CA ILE A 145 15.87 9.44 -18.28
C ILE A 145 16.97 10.43 -17.93
N PRO A 146 18.17 10.33 -18.53
CA PRO A 146 19.24 11.29 -18.17
C PRO A 146 18.89 12.73 -18.47
N ALA A 147 18.12 12.99 -19.53
CA ALA A 147 17.73 14.36 -19.85
C ALA A 147 16.83 14.95 -18.76
N PHE A 148 15.87 14.17 -18.27
CA PHE A 148 15.01 14.64 -17.19
C PHE A 148 15.81 14.85 -15.91
N ILE A 149 16.70 13.90 -15.59
CA ILE A 149 17.54 14.09 -14.40
C ILE A 149 18.33 15.38 -14.52
N SER A 150 18.83 15.68 -15.72
CA SER A 150 19.53 16.95 -15.92
C SER A 150 18.60 18.12 -15.70
N LEU A 151 17.31 17.97 -16.00
CA LEU A 151 16.39 19.08 -15.78
C LEU A 151 15.99 19.26 -14.33
N LEU A 152 16.24 18.29 -13.47
CA LEU A 152 15.89 18.47 -12.07
C LEU A 152 16.53 19.71 -11.47
N ALA A 153 17.73 20.08 -11.93
CA ALA A 153 18.45 21.22 -11.40
C ALA A 153 18.10 22.54 -12.11
N SER A 154 17.03 22.56 -12.88
CA SER A 154 16.72 23.75 -13.67
C SER A 154 16.42 24.93 -12.76
N PRO A 155 16.86 26.15 -13.12
CA PRO A 155 16.47 27.33 -12.35
C PRO A 155 14.98 27.65 -12.46
N HIS A 156 14.28 27.06 -13.42
CA HIS A 156 12.85 27.28 -13.58
C HIS A 156 12.10 26.19 -12.82
N ALA A 157 11.35 26.60 -11.80
CA ALA A 157 10.71 25.63 -10.91
C ALA A 157 9.70 24.78 -11.66
N HIS A 158 8.95 25.36 -12.60
CA HIS A 158 7.94 24.59 -13.30
C HIS A 158 8.57 23.50 -14.18
N ILE A 159 9.80 23.74 -14.65
CA ILE A 159 10.49 22.74 -15.46
C ILE A 159 11.02 21.62 -14.58
N SER A 160 11.68 21.98 -13.48
CA SER A 160 12.13 20.96 -12.53
CA SER A 160 12.14 20.97 -12.52
C SER A 160 10.98 20.10 -12.07
N GLU A 161 9.85 20.72 -11.72
CA GLU A 161 8.66 19.99 -11.33
C GLU A 161 8.20 19.05 -12.43
N GLN A 162 8.18 19.52 -13.68
CA GLN A 162 7.76 18.65 -14.77
C GLN A 162 8.68 17.44 -14.89
N ALA A 163 10.00 17.65 -14.74
CA ALA A 163 10.94 16.54 -14.78
C ALA A 163 10.68 15.56 -13.64
N VAL A 164 10.40 16.07 -12.44
CA VAL A 164 10.02 15.22 -11.32
C VAL A 164 8.85 14.33 -11.71
N TRP A 165 7.80 14.94 -12.26
CA TRP A 165 6.61 14.20 -12.67
C TRP A 165 6.97 13.09 -13.66
N ALA A 166 7.73 13.44 -14.70
CA ALA A 166 8.08 12.45 -15.72
C ALA A 166 8.84 11.28 -15.11
N LEU A 167 9.84 11.58 -14.27
CA LEU A 167 10.58 10.51 -13.61
C LEU A 167 9.67 9.68 -12.72
N GLY A 168 8.63 10.29 -12.16
CA GLY A 168 7.67 9.53 -11.38
C GLY A 168 6.91 8.52 -12.22
N ASN A 169 6.48 8.93 -13.42
CA ASN A 169 5.81 7.98 -14.30
C ASN A 169 6.74 6.86 -14.76
N ILE A 170 7.98 7.22 -15.14
CA ILE A 170 8.93 6.22 -15.59
C ILE A 170 9.22 5.22 -14.49
N ALA A 171 9.58 5.72 -13.29
CA ALA A 171 9.88 4.81 -12.19
C ALA A 171 8.66 4.02 -11.77
N GLY A 172 7.47 4.62 -11.87
CA GLY A 172 6.24 3.96 -11.51
C GLY A 172 5.82 2.86 -12.45
N ASP A 173 6.45 2.77 -13.62
CA ASP A 173 6.15 1.64 -14.51
C ASP A 173 6.43 0.28 -13.86
N GLY A 174 7.48 0.19 -13.05
CA GLY A 174 7.85 -1.11 -12.51
C GLY A 174 9.26 -1.13 -12.00
N SER A 175 9.64 -2.30 -11.47
CA SER A 175 10.92 -2.44 -10.79
CA SER A 175 10.92 -2.43 -10.79
C SER A 175 12.10 -2.14 -11.71
N ALA A 176 12.04 -2.58 -12.96
CA ALA A 176 13.18 -2.41 -13.85
C ALA A 176 13.42 -0.94 -14.18
N PHE A 177 12.38 -0.22 -14.61
CA PHE A 177 12.55 1.21 -14.88
C PHE A 177 12.79 2.01 -13.60
N ARG A 178 12.21 1.58 -12.48
CA ARG A 178 12.54 2.19 -11.20
C ARG A 178 14.05 2.12 -10.94
N ASP A 179 14.61 0.92 -11.05
CA ASP A 179 16.02 0.73 -10.76
C ASP A 179 16.90 1.38 -11.82
N LEU A 180 16.42 1.50 -13.05
CA LEU A 180 17.19 2.21 -14.07
C LEU A 180 17.21 3.71 -13.80
N VAL A 181 16.08 4.27 -13.37
CA VAL A 181 16.06 5.67 -12.95
C VAL A 181 17.05 5.87 -11.82
N ILE A 182 17.10 4.94 -10.87
CA ILE A 182 18.04 5.05 -9.77
C ILE A 182 19.49 4.99 -10.27
N LYS A 183 19.77 4.07 -11.18
CA LYS A 183 21.14 3.93 -11.69
C LYS A 183 21.61 5.17 -12.42
N HIS A 184 20.69 5.91 -13.06
CA HIS A 184 21.06 7.15 -13.73
C HIS A 184 21.28 8.30 -12.75
N GLY A 185 21.12 8.07 -11.45
CA GLY A 185 21.45 9.08 -10.45
C GLY A 185 20.35 10.04 -10.06
N ALA A 186 19.09 9.61 -10.11
CA ALA A 186 17.98 10.53 -9.86
C ALA A 186 17.83 10.91 -8.38
N ILE A 187 18.26 10.04 -7.46
CA ILE A 187 17.90 10.23 -6.05
C ILE A 187 18.56 11.48 -5.49
N ASP A 188 19.87 11.65 -5.71
CA ASP A 188 20.58 12.80 -5.16
C ASP A 188 19.90 14.13 -5.53
N PRO A 189 19.69 14.42 -6.83
CA PRO A 189 19.05 15.70 -7.16
C PRO A 189 17.60 15.79 -6.69
N LEU A 190 16.84 14.68 -6.71
CA LEU A 190 15.49 14.74 -6.18
C LEU A 190 15.50 15.17 -4.71
N LEU A 191 16.34 14.52 -3.90
CA LEU A 191 16.42 14.85 -2.48
C LEU A 191 16.95 16.26 -2.27
N ALA A 192 17.90 16.70 -3.11
CA ALA A 192 18.38 18.07 -3.01
C ALA A 192 17.26 19.07 -3.18
N LEU A 193 16.26 18.75 -4.00
CA LEU A 193 15.13 19.66 -4.10
C LEU A 193 14.37 19.82 -2.78
N LEU A 194 14.52 18.87 -1.86
CA LEU A 194 13.84 18.93 -0.57
C LEU A 194 14.74 19.37 0.57
N ALA A 195 16.00 19.74 0.29
CA ALA A 195 16.94 20.12 1.33
C ALA A 195 16.76 21.60 1.67
N VAL A 196 15.67 21.88 2.37
CA VAL A 196 15.33 23.23 2.80
C VAL A 196 15.05 23.20 4.30
N PRO A 197 15.22 24.32 5.01
CA PRO A 197 14.97 24.30 6.46
C PRO A 197 13.53 23.97 6.81
N ASP A 198 12.57 24.44 6.02
CA ASP A 198 11.15 24.25 6.31
C ASP A 198 10.41 23.93 5.02
N LEU A 199 9.86 22.72 4.95
CA LEU A 199 9.14 22.28 3.76
C LEU A 199 7.97 23.19 3.41
N SER A 200 7.47 23.97 4.38
CA SER A 200 6.32 24.82 4.12
CA SER A 200 6.31 24.83 4.13
C SER A 200 6.62 25.96 3.16
N THR A 201 7.91 26.28 2.94
CA THR A 201 8.24 27.33 2.00
C THR A 201 8.13 26.85 0.55
N LEU A 202 8.05 25.54 0.32
CA LEU A 202 7.88 25.03 -1.03
C LEU A 202 6.41 25.11 -1.45
N ALA A 203 6.20 25.30 -2.75
CA ALA A 203 4.85 25.26 -3.29
C ALA A 203 4.21 23.91 -3.03
N CYS A 204 2.91 23.93 -2.74
CA CYS A 204 2.20 22.73 -2.32
C CYS A 204 2.21 21.66 -3.41
N GLY A 205 1.85 22.03 -4.64
CA GLY A 205 1.84 21.05 -5.72
C GLY A 205 3.22 20.49 -6.01
N TYR A 206 4.24 21.36 -5.95
CA TYR A 206 5.62 20.93 -6.12
C TYR A 206 5.99 19.84 -5.12
N LEU A 207 5.70 20.09 -3.84
CA LEU A 207 6.04 19.14 -2.79
C LEU A 207 5.26 17.84 -2.95
N ARG A 208 3.97 17.94 -3.31
CA ARG A 208 3.19 16.73 -3.54
C ARG A 208 3.78 15.90 -4.67
N ASN A 209 4.22 16.56 -5.75
CA ASN A 209 4.80 15.82 -6.86
C ASN A 209 6.09 15.12 -6.45
N LEU A 210 6.97 15.83 -5.72
CA LEU A 210 8.19 15.21 -5.22
C LEU A 210 7.87 14.00 -4.34
N THR A 211 6.91 14.16 -3.41
CA THR A 211 6.57 13.06 -2.52
C THR A 211 6.08 11.85 -3.31
N TRP A 212 5.20 12.09 -4.30
CA TRP A 212 4.67 10.99 -5.09
C TRP A 212 5.77 10.28 -5.89
N THR A 213 6.68 11.04 -6.49
CA THR A 213 7.77 10.41 -7.25
C THR A 213 8.67 9.58 -6.33
N LEU A 214 9.00 10.13 -5.14
CA LEU A 214 9.79 9.33 -4.19
C LEU A 214 9.05 8.06 -3.80
N SER A 215 7.73 8.15 -3.62
CA SER A 215 6.96 6.96 -3.28
C SER A 215 7.01 5.93 -4.40
N ASN A 216 7.10 6.38 -5.65
CA ASN A 216 7.28 5.42 -6.74
C ASN A 216 8.69 4.83 -6.74
N LEU A 217 9.69 5.58 -6.26
CA LEU A 217 11.00 4.95 -6.11
C LEU A 217 11.02 3.94 -4.98
N CYS A 218 10.05 4.02 -4.05
CA CYS A 218 9.92 3.01 -3.01
C CYS A 218 9.02 1.86 -3.38
N ARG A 219 8.28 1.96 -4.48
CA ARG A 219 7.23 1.02 -4.81
C ARG A 219 7.77 -0.18 -5.60
N ASN A 220 6.99 -1.27 -5.57
CA ASN A 220 7.17 -2.48 -6.36
C ASN A 220 8.20 -3.44 -5.79
N LYS A 221 8.10 -4.72 -6.18
CA LYS A 221 8.91 -5.80 -5.62
C LYS A 221 9.39 -6.70 -6.76
N ASN A 222 10.09 -7.76 -6.39
CA ASN A 222 10.63 -8.71 -7.37
C ASN A 222 11.43 -8.01 -8.46
N PRO A 223 12.50 -7.29 -8.06
CA PRO A 223 12.96 -7.12 -6.68
C PRO A 223 12.41 -5.85 -6.01
N ALA A 224 12.55 -5.77 -4.70
CA ALA A 224 12.30 -4.54 -3.98
C ALA A 224 13.40 -3.54 -4.32
N PRO A 225 13.23 -2.27 -3.99
CA PRO A 225 14.22 -1.26 -4.37
C PRO A 225 15.57 -1.59 -3.74
N PRO A 226 16.66 -1.09 -4.31
CA PRO A 226 17.99 -1.37 -3.73
C PRO A 226 18.09 -0.85 -2.31
N LEU A 227 18.69 -1.65 -1.44
CA LEU A 227 18.77 -1.32 -0.02
C LEU A 227 19.39 0.05 0.21
N ASP A 228 20.46 0.36 -0.52
CA ASP A 228 21.14 1.64 -0.32
C ASP A 228 20.28 2.81 -0.81
N ALA A 229 19.46 2.60 -1.83
CA ALA A 229 18.54 3.66 -2.24
C ALA A 229 17.47 3.90 -1.18
N VAL A 230 16.97 2.83 -0.57
CA VAL A 230 16.01 2.97 0.51
C VAL A 230 16.64 3.72 1.68
N GLU A 231 17.86 3.35 2.07
CA GLU A 231 18.53 4.06 3.16
C GLU A 231 18.73 5.52 2.81
N GLN A 232 19.05 5.80 1.56
CA GLN A 232 19.25 7.18 1.11
C GLN A 232 17.96 8.00 1.19
N ILE A 233 16.82 7.37 0.85
CA ILE A 233 15.57 8.10 0.77
C ILE A 233 14.90 8.24 2.15
N LEU A 234 15.13 7.29 3.06
CA LEU A 234 14.30 7.20 4.25
C LEU A 234 14.29 8.48 5.08
N PRO A 235 15.42 9.13 5.37
CA PRO A 235 15.36 10.34 6.21
C PRO A 235 14.43 11.41 5.67
N THR A 236 14.46 11.65 4.36
CA THR A 236 13.54 12.63 3.76
C THR A 236 12.11 12.16 3.93
N LEU A 237 11.87 10.86 3.77
CA LEU A 237 10.54 10.32 3.97
CA LEU A 237 10.53 10.31 3.98
C LEU A 237 10.07 10.57 5.40
N VAL A 238 10.94 10.35 6.38
CA VAL A 238 10.60 10.62 7.78
C VAL A 238 10.21 12.08 7.94
N ARG A 239 10.95 12.97 7.29
CA ARG A 239 10.63 14.40 7.37
CA ARG A 239 10.63 14.39 7.36
C ARG A 239 9.27 14.69 6.75
N LEU A 240 8.97 14.08 5.61
CA LEU A 240 7.69 14.33 4.94
C LEU A 240 6.53 13.78 5.76
N LEU A 241 6.78 12.73 6.53
CA LEU A 241 5.75 12.11 7.36
C LEU A 241 5.30 13.01 8.50
N HIS A 242 6.03 14.09 8.79
CA HIS A 242 5.64 15.08 9.77
C HIS A 242 5.16 16.38 9.14
N HIS A 243 5.03 16.42 7.81
CA HIS A 243 4.51 17.61 7.15
C HIS A 243 2.99 17.66 7.30
N ASN A 244 2.43 18.86 7.16
CA ASN A 244 1.02 19.06 7.50
C ASN A 244 0.07 18.93 6.31
N ASP A 245 0.57 18.67 5.11
CA ASP A 245 -0.34 18.56 3.96
C ASP A 245 -0.94 17.16 3.89
N PRO A 246 -2.26 17.03 3.76
CA PRO A 246 -2.85 15.68 3.77
C PRO A 246 -2.37 14.77 2.64
N GLU A 247 -2.12 15.32 1.46
CA GLU A 247 -1.67 14.48 0.34
C GLU A 247 -0.23 14.04 0.54
N VAL A 248 0.64 14.95 0.99
CA VAL A 248 2.01 14.58 1.30
C VAL A 248 2.03 13.48 2.35
N LEU A 249 1.16 13.60 3.37
CA LEU A 249 1.08 12.58 4.41
C LEU A 249 0.61 11.25 3.83
N ALA A 250 -0.44 11.29 3.02
CA ALA A 250 -0.95 10.06 2.43
C ALA A 250 0.13 9.35 1.62
N ASP A 251 0.83 10.09 0.76
CA ASP A 251 1.82 9.46 -0.11
C ASP A 251 3.07 9.03 0.65
N SER A 252 3.46 9.77 1.69
CA SER A 252 4.55 9.32 2.55
C SER A 252 4.18 8.00 3.23
N CYS A 253 2.96 7.91 3.73
CA CYS A 253 2.49 6.65 4.31
C CYS A 253 2.48 5.54 3.28
N TRP A 254 2.09 5.84 2.04
CA TRP A 254 2.13 4.80 1.00
C TRP A 254 3.56 4.32 0.79
N ALA A 255 4.50 5.25 0.68
CA ALA A 255 5.90 4.87 0.53
C ALA A 255 6.35 3.97 1.68
N ILE A 256 6.01 4.35 2.91
CA ILE A 256 6.41 3.52 4.06
C ILE A 256 5.76 2.15 3.97
N SER A 257 4.51 2.09 3.50
CA SER A 257 3.83 0.82 3.36
C SER A 257 4.50 -0.07 2.33
N TYR A 258 4.99 0.53 1.24
CA TYR A 258 5.77 -0.24 0.28
C TYR A 258 7.04 -0.77 0.93
N LEU A 259 7.75 0.09 1.66
CA LEU A 259 9.03 -0.31 2.22
C LEU A 259 8.90 -1.38 3.29
N THR A 260 7.75 -1.47 3.96
CA THR A 260 7.52 -2.47 4.98
C THR A 260 6.87 -3.73 4.42
N ASP A 261 6.53 -3.73 3.13
CA ASP A 261 5.96 -4.89 2.47
C ASP A 261 7.10 -5.79 2.00
N GLY A 262 7.68 -6.54 2.95
CA GLY A 262 8.83 -7.35 2.66
C GLY A 262 9.34 -8.14 3.86
N PRO A 263 10.54 -8.69 3.76
CA PRO A 263 11.10 -9.47 4.88
C PRO A 263 11.46 -8.58 6.06
N ASN A 264 11.73 -9.24 7.20
CA ASN A 264 11.90 -8.52 8.45
C ASN A 264 13.03 -7.51 8.39
N GLU A 265 14.00 -7.72 7.50
CA GLU A 265 15.13 -6.79 7.40
C GLU A 265 14.68 -5.44 6.86
N ARG A 266 13.77 -5.44 5.89
CA ARG A 266 13.21 -4.20 5.36
C ARG A 266 12.37 -3.49 6.41
N ILE A 267 11.45 -4.24 7.03
CA ILE A 267 10.67 -3.70 8.15
C ILE A 267 11.61 -3.04 9.13
N GLU A 268 12.71 -3.73 9.49
CA GLU A 268 13.64 -3.20 10.47
C GLU A 268 14.26 -1.89 10.01
N MET A 269 14.64 -1.81 8.72
CA MET A 269 15.12 -0.54 8.20
C MET A 269 14.15 0.58 8.51
N VAL A 270 12.85 0.34 8.34
CA VAL A 270 11.88 1.39 8.60
C VAL A 270 11.73 1.64 10.10
N VAL A 271 11.52 0.58 10.87
CA VAL A 271 11.23 0.72 12.29
C VAL A 271 12.36 1.42 13.01
N LYS A 272 13.61 1.16 12.59
CA LYS A 272 14.76 1.78 13.24
C LYS A 272 14.74 3.30 13.12
N LYS A 273 14.10 3.84 12.08
CA LYS A 273 14.02 5.29 11.93
C LYS A 273 13.06 5.95 12.91
N GLY A 274 12.38 5.17 13.74
CA GLY A 274 11.52 5.73 14.78
C GLY A 274 10.17 6.24 14.31
N VAL A 275 9.67 5.76 13.17
CA VAL A 275 8.44 6.31 12.59
C VAL A 275 7.17 5.67 13.12
N VAL A 276 7.26 4.57 13.87
CA VAL A 276 6.04 3.86 14.28
C VAL A 276 5.10 4.76 15.07
N PRO A 277 5.55 5.55 16.06
CA PRO A 277 4.61 6.45 16.73
C PRO A 277 3.90 7.40 15.78
N GLN A 278 4.62 7.97 14.81
CA GLN A 278 3.97 8.87 13.85
C GLN A 278 2.96 8.11 13.01
N LEU A 279 3.26 6.86 12.66
CA LEU A 279 2.30 6.04 11.92
C LEU A 279 1.05 5.78 12.73
N VAL A 280 1.19 5.55 14.04
CA VAL A 280 0.02 5.34 14.90
C VAL A 280 -0.82 6.61 14.96
N LYS A 281 -0.16 7.75 15.18
CA LYS A 281 -0.85 9.03 15.17
C LYS A 281 -1.65 9.19 13.88
N LEU A 282 -1.02 8.94 12.73
CA LEU A 282 -1.73 9.08 11.46
C LEU A 282 -2.81 8.03 11.32
N LEU A 283 -2.64 6.89 11.99
CA LEU A 283 -3.69 5.89 12.02
C LEU A 283 -4.95 6.45 12.67
N GLY A 284 -4.79 7.39 13.60
CA GLY A 284 -5.95 8.05 14.15
C GLY A 284 -6.49 9.24 13.36
N ALA A 285 -6.00 9.51 12.17
CA ALA A 285 -6.43 10.68 11.41
C ALA A 285 -7.87 10.54 10.94
N THR A 286 -8.48 11.69 10.64
CA THR A 286 -9.86 11.68 10.15
C THR A 286 -9.93 11.46 8.65
N GLU A 287 -8.88 11.83 7.91
CA GLU A 287 -8.85 11.67 6.46
C GLU A 287 -8.57 10.21 6.10
N LEU A 288 -9.57 9.55 5.52
CA LEU A 288 -9.40 8.17 5.09
C LEU A 288 -8.21 7.95 4.15
N PRO A 289 -7.86 8.88 3.26
CA PRO A 289 -6.66 8.67 2.43
C PRO A 289 -5.37 8.62 3.23
N ILE A 290 -5.38 9.08 4.48
CA ILE A 290 -4.24 8.92 5.37
C ILE A 290 -4.34 7.63 6.16
N VAL A 291 -5.52 7.34 6.71
CA VAL A 291 -5.70 6.15 7.53
C VAL A 291 -5.37 4.89 6.73
N THR A 292 -5.79 4.85 5.47
CA THR A 292 -5.62 3.62 4.69
C THR A 292 -4.14 3.24 4.57
N PRO A 293 -3.25 4.10 4.08
CA PRO A 293 -1.84 3.71 3.99
C PRO A 293 -1.16 3.56 5.35
N ALA A 294 -1.52 4.38 6.34
CA ALA A 294 -0.97 4.21 7.68
C ALA A 294 -1.30 2.83 8.22
N LEU A 295 -2.55 2.39 8.05
CA LEU A 295 -2.95 1.07 8.53
C LEU A 295 -2.27 -0.04 7.74
N ARG A 296 -2.12 0.14 6.43
CA ARG A 296 -1.36 -0.85 5.66
C ARG A 296 0.07 -0.98 6.19
N ALA A 297 0.71 0.15 6.48
CA ALA A 297 2.09 0.10 6.98
C ALA A 297 2.14 -0.61 8.33
N ILE A 298 1.21 -0.29 9.23
CA ILE A 298 1.20 -0.94 10.55
C ILE A 298 1.01 -2.45 10.40
N GLY A 299 0.04 -2.86 9.57
CA GLY A 299 -0.17 -4.28 9.34
C GLY A 299 1.08 -4.97 8.81
N ASN A 300 1.74 -4.34 7.84
CA ASN A 300 2.99 -4.88 7.31
C ASN A 300 4.01 -5.05 8.44
N ILE A 301 4.13 -4.03 9.29
CA ILE A 301 5.12 -4.10 10.35
C ILE A 301 4.83 -5.26 11.29
N VAL A 302 3.55 -5.49 11.61
CA VAL A 302 3.24 -6.60 12.53
C VAL A 302 3.29 -7.95 11.84
N THR A 303 3.50 -8.00 10.52
CA THR A 303 3.92 -9.30 9.96
C THR A 303 5.37 -9.64 10.29
N GLY A 304 6.13 -8.76 10.94
CA GLY A 304 7.53 -9.01 11.22
C GLY A 304 7.77 -9.82 12.48
N THR A 305 8.78 -9.43 13.25
CA THR A 305 9.10 -10.13 14.49
C THR A 305 8.22 -9.63 15.61
N ASP A 306 8.19 -10.42 16.70
CA ASP A 306 7.39 -10.02 17.86
C ASP A 306 7.93 -8.75 18.49
N GLU A 307 9.23 -8.46 18.31
CA GLU A 307 9.78 -7.20 18.83
C GLU A 307 9.30 -6.00 18.00
N GLN A 308 9.21 -6.16 16.68
CA GLN A 308 8.67 -5.11 15.83
C GLN A 308 7.19 -4.87 16.12
N THR A 309 6.41 -5.96 16.17
CA THR A 309 5.02 -5.88 16.62
C THR A 309 4.93 -5.15 17.94
N GLN A 310 5.81 -5.50 18.87
CA GLN A 310 5.79 -4.87 20.19
C GLN A 310 6.01 -3.37 20.08
N LYS A 311 6.84 -2.94 19.12
CA LYS A 311 6.97 -1.50 18.93
C LYS A 311 5.66 -0.89 18.44
N VAL A 312 4.87 -1.63 17.66
CA VAL A 312 3.55 -1.10 17.32
C VAL A 312 2.66 -1.01 18.56
N ILE A 313 2.69 -2.01 19.43
CA ILE A 313 1.85 -1.99 20.62
C ILE A 313 2.27 -0.86 21.56
N ASP A 314 3.58 -0.72 21.80
CA ASP A 314 4.07 0.30 22.71
C ASP A 314 3.67 1.70 22.27
N ALA A 315 3.55 1.91 20.95
CA ALA A 315 3.20 3.23 20.43
C ALA A 315 1.73 3.58 20.63
N GLY A 316 0.91 2.63 21.08
CA GLY A 316 -0.49 2.92 21.36
C GLY A 316 -1.47 2.48 20.29
N ALA A 317 -1.07 1.58 19.39
CA ALA A 317 -1.90 1.29 18.23
C ALA A 317 -3.23 0.65 18.63
N LEU A 318 -3.21 -0.22 19.64
CA LEU A 318 -4.41 -0.99 19.95
C LEU A 318 -5.58 -0.08 20.33
N ALA A 319 -5.29 1.07 20.93
CA ALA A 319 -6.35 1.98 21.34
C ALA A 319 -7.16 2.49 20.17
N VAL A 320 -6.64 2.37 18.95
CA VAL A 320 -7.37 2.85 17.77
C VAL A 320 -8.28 1.77 17.19
N PHE A 321 -8.13 0.52 17.63
CA PHE A 321 -8.81 -0.55 16.90
C PHE A 321 -10.30 -0.69 17.23
N PRO A 322 -10.81 -0.18 18.35
CA PRO A 322 -12.27 -0.12 18.50
C PRO A 322 -12.93 0.60 17.34
N SER A 323 -12.36 1.73 16.90
CA SER A 323 -12.91 2.45 15.77
CA SER A 323 -12.91 2.45 15.77
CA SER A 323 -12.91 2.45 15.77
C SER A 323 -12.60 1.73 14.46
N LEU A 324 -11.34 1.32 14.26
CA LEU A 324 -10.97 0.66 13.02
C LEU A 324 -11.80 -0.60 12.79
N LEU A 325 -12.01 -1.40 13.83
CA LEU A 325 -12.75 -2.64 13.67
C LEU A 325 -14.25 -2.42 13.53
N THR A 326 -14.73 -1.19 13.69
CA THR A 326 -16.12 -0.85 13.37
C THR A 326 -16.19 0.17 12.24
N ASN A 327 -15.08 0.45 11.57
CA ASN A 327 -15.04 1.53 10.59
C ASN A 327 -16.04 1.24 9.47
N PRO A 328 -16.79 2.25 9.00
CA PRO A 328 -17.78 1.98 7.95
C PRO A 328 -17.16 1.63 6.60
N LYS A 329 -15.88 1.90 6.37
CA LYS A 329 -15.23 1.51 5.13
C LYS A 329 -14.79 0.06 5.22
N THR A 330 -15.35 -0.78 4.36
CA THR A 330 -15.09 -2.22 4.40
C THR A 330 -13.60 -2.54 4.40
N ASN A 331 -12.82 -1.86 3.56
CA ASN A 331 -11.40 -2.18 3.45
C ASN A 331 -10.64 -1.84 4.73
N ILE A 332 -11.03 -0.78 5.43
CA ILE A 332 -10.41 -0.47 6.72
C ILE A 332 -10.69 -1.60 7.71
N GLN A 333 -11.93 -2.06 7.76
CA GLN A 333 -12.28 -3.15 8.68
C GLN A 333 -11.47 -4.40 8.35
N LYS A 334 -11.40 -4.76 7.07
CA LYS A 334 -10.64 -5.93 6.66
C LYS A 334 -9.18 -5.80 7.06
N GLU A 335 -8.54 -4.68 6.70
CA GLU A 335 -7.11 -4.50 6.98
C GLU A 335 -6.85 -4.45 8.48
N ALA A 336 -7.76 -3.87 9.26
CA ALA A 336 -7.58 -3.83 10.70
C ALA A 336 -7.72 -5.23 11.30
N THR A 337 -8.62 -6.05 10.76
CA THR A 337 -8.77 -7.41 11.28
C THR A 337 -7.58 -8.29 10.89
N TRP A 338 -7.05 -8.11 9.68
CA TRP A 338 -5.81 -8.79 9.30
C TRP A 338 -4.66 -8.39 10.22
N THR A 339 -4.50 -7.09 10.46
CA THR A 339 -3.51 -6.62 11.42
C THR A 339 -3.69 -7.31 12.77
N MET A 340 -4.92 -7.30 13.30
CA MET A 340 -5.18 -7.99 14.56
C MET A 340 -4.76 -9.45 14.49
N SER A 341 -5.05 -10.12 13.37
CA SER A 341 -4.71 -11.53 13.25
C SER A 341 -3.22 -11.75 13.37
N ASN A 342 -2.42 -10.81 12.85
CA ASN A 342 -0.98 -10.94 13.01
C ASN A 342 -0.48 -10.45 14.35
N ILE A 343 -1.32 -9.79 15.15
CA ILE A 343 -0.95 -9.52 16.54
C ILE A 343 -1.30 -10.70 17.44
N THR A 344 -2.42 -11.37 17.20
CA THR A 344 -2.79 -12.51 18.03
C THR A 344 -1.95 -13.74 17.71
N ALA A 345 -1.15 -13.71 16.65
CA ALA A 345 -0.18 -14.73 16.36
C ALA A 345 1.12 -14.55 17.11
N GLY A 346 1.21 -13.54 17.98
CA GLY A 346 2.42 -13.23 18.71
C GLY A 346 2.49 -13.88 20.08
N ARG A 347 3.20 -13.21 20.99
CA ARG A 347 3.47 -13.74 22.32
C ARG A 347 2.24 -13.61 23.22
N GLN A 348 2.20 -14.45 24.25
CA GLN A 348 1.08 -14.45 25.16
C GLN A 348 0.91 -13.11 25.85
N ASP A 349 1.99 -12.39 26.13
CA ASP A 349 1.86 -11.05 26.71
C ASP A 349 1.26 -10.07 25.71
N GLN A 350 1.45 -10.30 24.41
CA GLN A 350 0.85 -9.46 23.39
C GLN A 350 -0.63 -9.78 23.22
N ILE A 351 -0.96 -11.08 23.18
CA ILE A 351 -2.35 -11.50 23.29
C ILE A 351 -3.00 -10.83 24.50
N GLN A 352 -2.27 -10.76 25.60
CA GLN A 352 -2.83 -10.15 26.81
C GLN A 352 -3.04 -8.66 26.64
N GLN A 353 -2.19 -7.99 25.85
CA GLN A 353 -2.47 -6.59 25.53
C GLN A 353 -3.74 -6.47 24.69
N VAL A 354 -3.97 -7.40 23.76
CA VAL A 354 -5.21 -7.38 23.01
C VAL A 354 -6.40 -7.53 23.95
N VAL A 355 -6.30 -8.44 24.92
CA VAL A 355 -7.35 -8.61 25.92
C VAL A 355 -7.57 -7.32 26.69
N ASN A 356 -6.50 -6.74 27.23
CA ASN A 356 -6.62 -5.59 28.11
C ASN A 356 -7.25 -4.40 27.41
N HIS A 357 -6.99 -4.23 26.12
CA HIS A 357 -7.54 -3.11 25.38
C HIS A 357 -8.99 -3.32 24.98
N GLY A 358 -9.59 -4.44 25.40
CA GLY A 358 -11.00 -4.69 25.14
C GLY A 358 -11.31 -5.12 23.73
N LEU A 359 -10.34 -5.67 23.00
CA LEU A 359 -10.52 -5.93 21.58
C LEU A 359 -11.12 -7.29 21.27
N VAL A 360 -11.17 -8.22 22.22
CA VAL A 360 -11.81 -9.50 21.95
C VAL A 360 -13.29 -9.32 21.61
N PRO A 361 -14.06 -8.54 22.38
CA PRO A 361 -15.45 -8.27 21.95
C PRO A 361 -15.57 -7.72 20.55
N PHE A 362 -14.61 -6.89 20.12
CA PHE A 362 -14.66 -6.35 18.77
C PHE A 362 -14.40 -7.43 17.73
N LEU A 363 -13.50 -8.37 18.04
CA LEU A 363 -13.30 -9.52 17.15
C LEU A 363 -14.54 -10.39 17.10
N VAL A 364 -15.21 -10.57 18.24
CA VAL A 364 -16.48 -11.30 18.24
C VAL A 364 -17.48 -10.57 17.34
N GLY A 365 -17.49 -9.24 17.39
CA GLY A 365 -18.42 -8.49 16.57
C GLY A 365 -18.16 -8.67 15.09
N VAL A 366 -16.89 -8.56 14.69
CA VAL A 366 -16.55 -8.73 13.28
C VAL A 366 -16.85 -10.15 12.82
N LEU A 367 -16.58 -11.14 13.68
CA LEU A 367 -16.94 -12.51 13.35
C LEU A 367 -18.45 -12.67 13.21
N SER A 368 -19.23 -11.92 13.99
CA SER A 368 -20.69 -12.04 13.94
C SER A 368 -21.27 -11.39 12.70
N LYS A 369 -20.78 -10.20 12.34
CA LYS A 369 -21.33 -9.47 11.21
C LYS A 369 -20.24 -8.60 10.60
N ALA A 370 -19.95 -8.84 9.33
CA ALA A 370 -19.00 -8.05 8.57
C ALA A 370 -19.00 -8.59 7.15
N ASP A 371 -18.36 -7.85 6.25
CA ASP A 371 -18.06 -8.41 4.95
C ASP A 371 -17.35 -9.75 5.11
N PHE A 372 -17.64 -10.70 4.21
CA PHE A 372 -17.14 -12.05 4.40
C PHE A 372 -15.62 -12.09 4.47
N LYS A 373 -14.94 -11.29 3.66
CA LYS A 373 -13.47 -11.29 3.70
C LYS A 373 -12.96 -10.87 5.07
N THR A 374 -13.59 -9.83 5.64
CA THR A 374 -13.26 -9.44 7.00
C THR A 374 -13.54 -10.57 7.99
N GLN A 375 -14.65 -11.28 7.80
CA GLN A 375 -14.96 -12.41 8.67
C GLN A 375 -13.87 -13.49 8.58
N LYS A 376 -13.34 -13.72 7.38
CA LYS A 376 -12.27 -14.69 7.22
C LYS A 376 -11.01 -14.24 7.97
N GLU A 377 -10.66 -12.95 7.86
CA GLU A 377 -9.54 -12.44 8.65
C GLU A 377 -9.80 -12.61 10.14
N ALA A 378 -11.04 -12.41 10.58
CA ALA A 378 -11.36 -12.57 11.99
C ALA A 378 -11.19 -14.02 12.42
N ALA A 379 -11.66 -14.96 11.61
CA ALA A 379 -11.44 -16.37 11.88
C ALA A 379 -9.95 -16.65 12.06
N TRP A 380 -9.13 -16.11 11.15
CA TRP A 380 -7.68 -16.25 11.30
C TRP A 380 -7.20 -15.71 12.63
N ALA A 381 -7.62 -14.49 12.98
CA ALA A 381 -7.20 -13.90 14.25
C ALA A 381 -7.58 -14.79 15.43
N ILE A 382 -8.74 -15.46 15.34
CA ILE A 382 -9.19 -16.30 16.44
C ILE A 382 -8.35 -17.58 16.51
N THR A 383 -8.07 -18.20 15.36
CA THR A 383 -7.24 -19.40 15.38
C THR A 383 -5.85 -19.10 15.90
N ASN A 384 -5.26 -17.97 15.47
CA ASN A 384 -3.96 -17.58 16.00
C ASN A 384 -4.04 -17.39 17.51
N TYR A 385 -5.06 -16.67 17.97
CA TYR A 385 -5.27 -16.46 19.40
C TYR A 385 -5.30 -17.77 20.16
N THR A 386 -6.08 -18.74 19.65
CA THR A 386 -6.25 -20.00 20.37
C THR A 386 -4.99 -20.86 20.29
N SER A 387 -4.22 -20.75 19.21
CA SER A 387 -2.98 -21.52 19.11
C SER A 387 -1.93 -21.00 20.09
N GLY A 388 -1.84 -19.69 20.26
CA GLY A 388 -0.79 -19.14 21.09
C GLY A 388 -1.17 -18.79 22.51
N GLY A 389 -2.46 -18.76 22.81
CA GLY A 389 -2.91 -18.21 24.07
C GLY A 389 -2.81 -19.18 25.24
N THR A 390 -2.77 -18.62 26.44
CA THR A 390 -2.88 -19.40 27.65
C THR A 390 -4.29 -19.96 27.80
N VAL A 391 -4.45 -20.90 28.73
CA VAL A 391 -5.78 -21.46 28.98
C VAL A 391 -6.73 -20.35 29.43
N GLU A 392 -6.27 -19.49 30.33
CA GLU A 392 -7.12 -18.42 30.84
C GLU A 392 -7.57 -17.49 29.71
N GLN A 393 -6.68 -17.18 28.77
CA GLN A 393 -7.04 -16.31 27.66
C GLN A 393 -8.07 -16.97 26.75
N ILE A 394 -7.97 -18.28 26.55
CA ILE A 394 -8.95 -18.99 25.72
C ILE A 394 -10.29 -19.05 26.43
N VAL A 395 -10.28 -19.28 27.75
CA VAL A 395 -11.50 -19.23 28.54
C VAL A 395 -12.18 -17.88 28.36
N TYR A 396 -11.39 -16.80 28.52
CA TYR A 396 -11.92 -15.46 28.29
C TYR A 396 -12.55 -15.35 26.93
N LEU A 397 -11.86 -15.85 25.90
CA LEU A 397 -12.41 -15.82 24.55
C LEU A 397 -13.80 -16.45 24.50
N VAL A 398 -13.96 -17.61 25.15
CA VAL A 398 -15.28 -18.25 25.16
C VAL A 398 -16.29 -17.39 25.91
N HIS A 399 -15.88 -16.79 27.03
CA HIS A 399 -16.79 -15.96 27.81
C HIS A 399 -17.25 -14.72 27.06
N CYS A 400 -16.50 -14.28 26.03
CA CYS A 400 -16.93 -13.14 25.23
C CYS A 400 -17.92 -13.52 24.14
N GLY A 401 -18.21 -14.80 23.96
CA GLY A 401 -19.20 -15.25 23.01
C GLY A 401 -18.69 -15.68 21.66
N ILE A 402 -17.48 -16.23 21.58
CA ILE A 402 -16.90 -16.54 20.27
C ILE A 402 -17.58 -17.74 19.62
N ILE A 403 -18.13 -18.65 20.43
CA ILE A 403 -18.53 -19.96 19.91
C ILE A 403 -19.64 -19.83 18.88
N GLU A 404 -20.73 -19.12 19.24
CA GLU A 404 -21.87 -19.05 18.32
C GLU A 404 -21.49 -18.48 16.96
N PRO A 405 -20.86 -17.31 16.86
CA PRO A 405 -20.48 -16.81 15.52
C PRO A 405 -19.50 -17.74 14.81
N LEU A 406 -18.57 -18.33 15.57
CA LEU A 406 -17.64 -19.29 14.99
C LEU A 406 -18.40 -20.43 14.32
N MET A 407 -19.40 -20.98 15.00
CA MET A 407 -20.21 -22.06 14.42
C MET A 407 -21.00 -21.57 13.21
N ASN A 408 -21.63 -20.40 13.32
CA ASN A 408 -22.42 -19.90 12.21
C ASN A 408 -21.58 -19.75 10.95
N LEU A 409 -20.28 -19.50 11.10
CA LEU A 409 -19.44 -19.41 9.91
C LEU A 409 -19.09 -20.76 9.29
N LEU A 410 -19.45 -21.87 9.94
CA LEU A 410 -19.16 -23.18 9.36
C LEU A 410 -20.09 -23.53 8.20
N SER A 411 -21.17 -22.79 8.01
CA SER A 411 -22.05 -23.00 6.86
C SER A 411 -21.53 -22.31 5.60
N ALA A 412 -20.33 -21.74 5.65
CA ALA A 412 -19.77 -21.04 4.50
C ALA A 412 -19.18 -22.03 3.51
N LYS A 413 -19.15 -21.62 2.24
CA LYS A 413 -18.63 -22.48 1.18
C LYS A 413 -17.12 -22.45 1.07
N ASP A 414 -16.47 -21.42 1.62
CA ASP A 414 -15.02 -21.34 1.57
C ASP A 414 -14.41 -22.45 2.40
N THR A 415 -13.59 -23.29 1.76
CA THR A 415 -12.98 -24.42 2.44
C THR A 415 -11.97 -23.96 3.48
N LYS A 416 -11.16 -22.97 3.15
CA LYS A 416 -10.06 -22.60 4.03
C LYS A 416 -10.58 -22.04 5.34
N ILE A 417 -11.64 -21.22 5.31
CA ILE A 417 -12.19 -20.70 6.56
C ILE A 417 -12.74 -21.84 7.41
N ILE A 418 -13.33 -22.86 6.78
CA ILE A 418 -13.78 -24.02 7.52
C ILE A 418 -12.61 -24.67 8.25
N GLN A 419 -11.51 -24.91 7.52
CA GLN A 419 -10.33 -25.47 8.16
C GLN A 419 -9.89 -24.61 9.34
N VAL A 420 -9.77 -23.30 9.12
CA VAL A 420 -9.33 -22.38 10.16
C VAL A 420 -10.22 -22.51 11.40
N ILE A 421 -11.54 -22.53 11.17
CA ILE A 421 -12.48 -22.59 12.29
C ILE A 421 -12.35 -23.91 13.04
N LEU A 422 -12.24 -25.02 12.31
CA LEU A 422 -12.09 -26.31 12.96
C LEU A 422 -10.82 -26.36 13.79
N ASP A 423 -9.73 -25.79 13.28
CA ASP A 423 -8.52 -25.65 14.08
C ASP A 423 -8.80 -24.90 15.37
N ALA A 424 -9.46 -23.75 15.27
CA ALA A 424 -9.77 -22.97 16.47
C ALA A 424 -10.56 -23.81 17.46
N ILE A 425 -11.60 -24.51 16.98
CA ILE A 425 -12.41 -25.34 17.85
C ILE A 425 -11.55 -26.38 18.56
N SER A 426 -10.67 -27.04 17.80
CA SER A 426 -9.77 -28.02 18.40
C SER A 426 -8.96 -27.40 19.53
N ASN A 427 -8.36 -26.24 19.27
CA ASN A 427 -7.55 -25.59 20.30
C ASN A 427 -8.37 -25.29 21.55
N ILE A 428 -9.60 -24.77 21.36
CA ILE A 428 -10.44 -24.46 22.51
C ILE A 428 -10.76 -25.73 23.29
N PHE A 429 -11.09 -26.81 22.57
CA PHE A 429 -11.35 -28.09 23.22
C PHE A 429 -10.13 -28.56 23.99
N GLN A 430 -8.93 -28.36 23.45
CA GLN A 430 -7.72 -28.74 24.19
C GLN A 430 -7.62 -27.97 25.50
N ALA A 431 -7.90 -26.66 25.48
CA ALA A 431 -7.89 -25.92 26.74
C ALA A 431 -8.95 -26.47 27.70
N ALA A 432 -10.12 -26.85 27.17
CA ALA A 432 -11.17 -27.40 28.03
C ALA A 432 -10.75 -28.73 28.63
N GLU A 433 -10.03 -29.56 27.86
CA GLU A 433 -9.45 -30.78 28.41
C GLU A 433 -8.51 -30.46 29.57
N LYS A 434 -7.61 -29.50 29.35
CA LYS A 434 -6.73 -29.09 30.43
C LYS A 434 -7.51 -28.59 31.65
N LEU A 435 -8.75 -28.14 31.46
CA LEU A 435 -9.60 -27.76 32.58
C LEU A 435 -10.62 -28.83 32.97
N GLY A 436 -10.76 -29.90 32.20
CA GLY A 436 -11.78 -30.89 32.47
C GLY A 436 -13.18 -30.42 32.19
N GLU A 437 -13.37 -29.55 31.19
CA GLU A 437 -14.66 -28.94 30.91
C GLU A 437 -15.12 -29.21 29.48
N THR A 438 -14.59 -30.25 28.84
CA THR A 438 -14.97 -30.54 27.46
C THR A 438 -16.47 -30.72 27.32
N GLU A 439 -17.13 -31.26 28.35
CA GLU A 439 -18.57 -31.50 28.27
C GLU A 439 -19.33 -30.19 28.12
N LYS A 440 -19.01 -29.21 28.97
CA LYS A 440 -19.71 -27.93 28.90
C LYS A 440 -19.54 -27.27 27.55
N LEU A 441 -18.33 -27.36 26.97
CA LEU A 441 -18.12 -26.79 25.65
C LEU A 441 -18.92 -27.54 24.59
N SER A 442 -18.96 -28.87 24.69
CA SER A 442 -19.78 -29.66 23.78
C SER A 442 -21.24 -29.23 23.85
N ILE A 443 -21.75 -29.00 25.06
CA ILE A 443 -23.12 -28.50 25.21
C ILE A 443 -23.27 -27.16 24.51
N MET A 444 -22.35 -26.23 24.78
CA MET A 444 -22.38 -24.94 24.11
C MET A 444 -22.52 -25.10 22.61
N ILE A 445 -21.63 -25.89 22.00
CA ILE A 445 -21.65 -26.06 20.55
C ILE A 445 -22.96 -26.69 20.10
N GLU A 446 -23.50 -27.60 20.89
CA GLU A 446 -24.72 -28.30 20.49
C GLU A 446 -25.93 -27.38 20.53
N GLU A 447 -25.98 -26.46 21.50
CA GLU A 447 -27.14 -25.62 21.69
C GLU A 447 -27.28 -24.54 20.62
N CYS A 448 -26.18 -24.15 19.97
CA CYS A 448 -26.22 -23.14 18.92
C CYS A 448 -26.23 -23.75 17.52
N GLY A 449 -26.37 -25.06 17.41
CA GLY A 449 -26.43 -25.71 16.12
C GLY A 449 -25.10 -26.07 15.51
N GLY A 450 -24.01 -25.99 16.27
CA GLY A 450 -22.70 -26.26 15.72
C GLY A 450 -22.43 -27.73 15.51
N LEU A 451 -22.96 -28.59 16.38
CA LEU A 451 -22.75 -30.02 16.23
C LEU A 451 -23.33 -30.51 14.90
N ASP A 452 -24.50 -29.99 14.51
CA ASP A 452 -25.08 -30.35 13.22
C ASP A 452 -24.15 -29.94 12.08
N LYS A 453 -23.52 -28.78 12.18
CA LYS A 453 -22.64 -28.31 11.12
C LYS A 453 -21.37 -29.14 11.03
N ILE A 454 -20.81 -29.54 12.18
CA ILE A 454 -19.61 -30.37 12.17
C ILE A 454 -19.93 -31.76 11.63
N GLU A 455 -20.95 -32.41 12.20
CA GLU A 455 -21.37 -33.72 11.71
C GLU A 455 -21.66 -33.68 10.21
N ALA A 456 -22.24 -32.58 9.73
CA ALA A 456 -22.45 -32.42 8.30
C ALA A 456 -21.12 -32.32 7.57
N LEU A 457 -20.15 -31.60 8.15
CA LEU A 457 -18.84 -31.48 7.53
C LEU A 457 -18.10 -32.82 7.47
N GLN A 458 -18.49 -33.79 8.29
CA GLN A 458 -17.96 -35.15 8.10
C GLN A 458 -18.19 -35.65 6.68
N ARG A 459 -19.23 -35.15 6.01
CA ARG A 459 -19.51 -35.50 4.62
C ARG A 459 -18.89 -34.51 3.64
N HIS A 460 -17.99 -33.64 4.10
CA HIS A 460 -17.38 -32.66 3.22
C HIS A 460 -16.34 -33.31 2.33
N GLU A 461 -16.28 -32.85 1.07
CA GLU A 461 -15.42 -33.48 0.08
C GLU A 461 -13.94 -33.27 0.39
N ASN A 462 -13.59 -32.18 1.07
CA ASN A 462 -12.18 -31.93 1.39
C ASN A 462 -11.69 -32.93 2.43
N GLU A 463 -10.43 -33.32 2.29
CA GLU A 463 -9.83 -34.34 3.15
C GLU A 463 -9.69 -33.83 4.58
N SER A 464 -8.82 -32.85 4.80
CA SER A 464 -8.55 -32.35 6.14
C SER A 464 -9.84 -31.91 6.83
N VAL A 465 -10.81 -31.40 6.07
CA VAL A 465 -12.08 -30.97 6.67
C VAL A 465 -12.76 -32.16 7.35
N TYR A 466 -13.15 -33.17 6.59
CA TYR A 466 -13.89 -34.27 7.17
C TYR A 466 -13.05 -35.07 8.15
N LYS A 467 -11.71 -35.05 8.00
CA LYS A 467 -10.84 -35.64 9.01
C LYS A 467 -11.02 -34.92 10.35
N ALA A 468 -10.78 -33.61 10.38
CA ALA A 468 -10.91 -32.85 11.62
C ALA A 468 -12.32 -32.97 12.19
N SER A 469 -13.33 -32.92 11.33
CA SER A 469 -14.71 -33.09 11.78
C SER A 469 -14.88 -34.41 12.51
N LEU A 470 -14.54 -35.52 11.83
CA LEU A 470 -14.63 -36.83 12.44
C LEU A 470 -13.93 -36.86 13.79
N ASN A 471 -12.70 -36.33 13.84
CA ASN A 471 -11.96 -36.32 15.10
C ASN A 471 -12.74 -35.59 16.19
N LEU A 472 -13.31 -34.43 15.86
CA LEU A 472 -14.07 -33.68 16.85
C LEU A 472 -15.28 -34.46 17.34
N ILE A 473 -16.04 -35.04 16.41
CA ILE A 473 -17.22 -35.83 16.77
C ILE A 473 -16.83 -36.98 17.70
N GLU A 474 -15.99 -37.89 17.20
CA GLU A 474 -15.68 -39.10 17.95
C GLU A 474 -14.95 -38.79 19.26
N LYS A 475 -14.23 -37.67 19.31
CA LYS A 475 -13.42 -37.36 20.49
C LYS A 475 -14.18 -36.58 21.55
N TYR A 476 -15.13 -35.73 21.17
CA TYR A 476 -15.83 -34.88 22.13
C TYR A 476 -17.35 -34.98 22.09
N PHE A 477 -17.94 -35.69 21.13
CA PHE A 477 -19.39 -35.79 21.01
C PHE A 477 -19.80 -37.26 20.91
N SER A 478 -19.39 -38.06 21.90
CA SER A 478 -19.70 -39.47 21.93
C SER A 478 -20.49 -39.84 23.19
N PHE B 6 -4.08 1.10 -6.71
CA PHE B 6 -4.25 2.28 -7.53
C PHE B 6 -3.04 2.46 -8.46
N PRO B 7 -3.23 3.16 -9.58
CA PRO B 7 -2.15 3.24 -10.57
C PRO B 7 -0.99 4.12 -10.10
N ALA B 8 0.21 3.70 -10.52
CA ALA B 8 1.42 4.43 -10.16
C ALA B 8 1.67 5.65 -11.04
N LYS B 9 1.02 5.74 -12.20
CA LYS B 9 1.28 6.81 -13.15
C LYS B 9 0.17 7.86 -13.09
N LYS B 10 0.52 9.09 -13.48
CA LYS B 10 -0.39 10.22 -13.51
C LYS B 10 -0.17 10.98 -14.81
N ARG B 11 -1.25 11.28 -15.52
CA ARG B 11 -1.20 12.14 -16.69
C ARG B 11 -1.50 13.56 -16.26
N LYS B 12 -0.74 14.52 -16.81
CA LYS B 12 -0.94 15.93 -16.48
C LYS B 12 -2.00 16.50 -17.41
N VAL B 13 -3.16 16.81 -16.86
CA VAL B 13 -4.27 17.38 -17.60
C VAL B 13 -4.46 18.84 -17.20
#